data_2O3A
#
_entry.id   2O3A
#
_cell.length_a   53.294
_cell.length_b   55.890
_cell.length_c   108.784
_cell.angle_alpha   90.000
_cell.angle_beta   90.000
_cell.angle_gamma   90.000
#
_symmetry.space_group_name_H-M   'P 21 21 21'
#
loop_
_entity.id
_entity.type
_entity.pdbx_description
1 polymer 'UPF0106 protein AF_0751'
2 water water
#
_entity_poly.entity_id   1
_entity_poly.type   'polypeptide(L)'
_entity_poly.pdbx_seq_one_letter_code
;MSLEVYVLRLGHRPERDKRISTHVALTARAFGAKGIYFDTEDKSVFESVRDVVERWGGDFFIKAVSWKKLLREFDGLKVH
LTMYGIPLPQKLEEIKRADKVLVVVGAEKVPPEVYELCDLNISIGTQPHSEVAALAVFLDRVLGKVFDISFDDAKIKVIP
SERGKRVVSEEGHHHHHH
;
_entity_poly.pdbx_strand_id   A,B
#
# COMPACT_ATOMS: atom_id res chain seq x y z
N LEU A 3 0.02 2.86 -22.21
CA LEU A 3 -0.98 3.12 -21.13
C LEU A 3 -0.39 4.01 -20.04
N GLU A 4 -1.03 5.17 -19.86
CA GLU A 4 -0.58 6.15 -18.89
C GLU A 4 -1.59 6.20 -17.77
N VAL A 5 -1.10 6.35 -16.53
CA VAL A 5 -1.98 6.34 -15.36
C VAL A 5 -1.72 7.58 -14.55
N TYR A 6 -2.80 8.16 -14.04
CA TYR A 6 -2.84 9.41 -13.31
C TYR A 6 -3.69 9.16 -12.09
N VAL A 7 -3.34 9.78 -10.97
CA VAL A 7 -4.08 9.59 -9.72
C VAL A 7 -4.82 10.85 -9.33
N LEU A 8 -6.07 10.69 -8.87
CA LEU A 8 -6.84 11.76 -8.24
C LEU A 8 -7.01 11.50 -6.77
N ARG A 9 -6.48 12.41 -5.98
CA ARG A 9 -6.53 12.29 -4.55
C ARG A 9 -7.62 13.22 -4.01
N LEU A 10 -8.79 12.65 -3.76
CA LEU A 10 -9.90 13.38 -3.16
C LEU A 10 -9.89 13.31 -1.64
N GLY A 11 -10.22 14.42 -0.99
CA GLY A 11 -10.59 14.42 0.42
C GLY A 11 -9.54 14.68 1.48
N HIS A 12 -8.33 15.06 1.05
CA HIS A 12 -7.24 15.39 1.98
C HIS A 12 -7.63 16.52 2.95
N ARG A 13 -7.24 16.40 4.23
CA ARG A 13 -7.46 17.49 5.20
C ARG A 13 -6.38 17.59 6.30
N PRO A 14 -5.75 18.77 6.43
CA PRO A 14 -4.56 18.91 7.26
C PRO A 14 -4.87 19.00 8.75
N ASP A 17 -4.13 14.28 7.70
CA ASP A 17 -4.03 13.66 6.37
C ASP A 17 -2.70 13.89 5.64
N LYS A 18 -1.81 14.69 6.23
CA LYS A 18 -0.55 15.10 5.60
C LYS A 18 0.39 13.95 5.26
N ARG A 19 0.41 12.93 6.11
CA ARG A 19 1.36 11.82 5.95
C ARG A 19 0.86 10.70 5.03
N ILE A 20 -0.46 10.49 5.00
CA ILE A 20 -1.10 9.52 4.13
C ILE A 20 -1.13 10.02 2.69
N SER A 21 -1.29 11.34 2.53
CA SER A 21 -1.39 11.95 1.22
C SER A 21 -0.05 11.93 0.50
N THR A 22 1.02 12.15 1.25
CA THR A 22 2.39 12.04 0.72
C THR A 22 2.70 10.58 0.39
N HIS A 23 2.36 9.67 1.31
CA HIS A 23 2.38 8.22 1.05
C HIS A 23 1.66 7.83 -0.25
N VAL A 24 0.47 8.38 -0.49
CA VAL A 24 -0.30 8.10 -1.73
C VAL A 24 0.44 8.57 -2.99
N ALA A 25 0.91 9.81 -2.94
CA ALA A 25 1.61 10.45 -4.07
C ALA A 25 2.97 9.82 -4.39
N LEU A 26 3.75 9.49 -3.35
CA LEU A 26 5.04 8.80 -3.51
C LEU A 26 4.87 7.35 -3.91
N THR A 27 3.76 6.75 -3.48
CA THR A 27 3.36 5.44 -4.00
C THR A 27 3.02 5.54 -5.52
N ALA A 28 2.21 6.54 -5.88
CA ALA A 28 1.82 6.76 -7.29
C ALA A 28 3.05 6.90 -8.17
N ARG A 29 3.93 7.83 -7.81
CA ARG A 29 5.24 7.99 -8.44
C ARG A 29 6.09 6.71 -8.48
N ALA A 30 6.34 6.09 -7.32
CA ALA A 30 7.20 4.89 -7.30
C ALA A 30 6.69 3.79 -8.25
N PHE A 31 5.39 3.78 -8.48
CA PHE A 31 4.75 2.65 -9.10
C PHE A 31 4.40 2.79 -10.58
N GLY A 32 4.73 3.93 -11.19
CA GLY A 32 4.56 4.15 -12.65
C GLY A 32 3.55 5.21 -13.09
N ALA A 33 2.91 5.86 -12.13
CA ALA A 33 1.97 6.94 -12.42
C ALA A 33 2.68 8.13 -13.08
N LYS A 34 1.99 8.90 -13.91
CA LYS A 34 2.64 10.05 -14.55
C LYS A 34 2.63 11.28 -13.63
N GLY A 35 1.61 11.37 -12.78
CA GLY A 35 1.48 12.47 -11.86
C GLY A 35 0.27 12.23 -11.02
N ILE A 36 -0.04 13.18 -10.14
CA ILE A 36 -1.19 13.09 -9.25
C ILE A 36 -1.90 14.44 -9.11
N TYR A 37 -3.22 14.40 -9.20
CA TYR A 37 -4.06 15.58 -9.03
C TYR A 37 -4.70 15.55 -7.66
N PHE A 38 -4.76 16.72 -7.04
CA PHE A 38 -5.36 16.89 -5.71
C PHE A 38 -6.53 17.87 -5.76
N ASP A 39 -7.54 17.66 -4.92
CA ASP A 39 -8.69 18.55 -4.91
C ASP A 39 -8.50 19.76 -3.98
N THR A 40 -7.25 19.95 -3.54
CA THR A 40 -6.83 21.01 -2.61
C THR A 40 -5.33 20.90 -2.24
N GLU A 41 -4.59 22.01 -2.33
CA GLU A 41 -3.27 22.17 -1.67
C GLU A 41 -3.56 22.97 -0.41
N ASP A 42 -2.81 22.85 0.71
CA ASP A 42 -1.62 22.00 1.03
C ASP A 42 -0.29 22.09 0.29
N LYS A 43 0.58 22.95 0.84
CA LYS A 43 1.92 23.16 0.30
C LYS A 43 3.00 22.29 0.99
N SER A 44 2.72 21.79 2.19
CA SER A 44 3.58 20.79 2.85
C SER A 44 3.79 19.54 1.98
N VAL A 45 2.67 18.99 1.50
CA VAL A 45 2.68 17.73 0.76
C VAL A 45 3.30 17.97 -0.62
N PHE A 46 2.90 19.07 -1.26
CA PHE A 46 3.44 19.42 -2.57
C PHE A 46 4.96 19.58 -2.57
N GLU A 47 5.51 20.15 -1.49
CA GLU A 47 6.96 20.34 -1.36
C GLU A 47 7.67 19.00 -1.13
N SER A 48 7.23 18.26 -0.11
CA SER A 48 7.70 16.90 0.17
C SER A 48 7.82 16.05 -1.11
N VAL A 49 6.80 16.12 -1.95
CA VAL A 49 6.75 15.33 -3.17
C VAL A 49 7.70 15.90 -4.25
N ARG A 50 7.78 17.24 -4.30
CA ARG A 50 8.69 17.91 -5.20
C ARG A 50 10.16 17.74 -4.84
N ASP A 51 10.45 17.64 -3.54
CA ASP A 51 11.79 17.28 -3.07
C ASP A 51 12.27 15.94 -3.61
N VAL A 52 11.40 14.92 -3.55
CA VAL A 52 11.74 13.56 -3.98
C VAL A 52 11.95 13.51 -5.51
N VAL A 53 11.05 14.12 -6.28
CA VAL A 53 11.24 14.20 -7.75
C VAL A 53 12.62 14.77 -8.14
N GLU A 54 13.06 15.80 -7.42
CA GLU A 54 14.37 16.40 -7.66
C GLU A 54 15.56 15.50 -7.29
N ARG A 55 15.60 15.01 -6.05
CA ARG A 55 16.68 14.09 -5.61
C ARG A 55 16.67 12.79 -6.39
N TRP A 56 15.48 12.20 -6.58
CA TRP A 56 15.36 10.85 -7.10
C TRP A 56 14.99 10.73 -8.59
N GLY A 57 14.68 11.84 -9.26
CA GLY A 57 14.55 11.83 -10.73
C GLY A 57 13.16 11.74 -11.34
N GLY A 58 13.09 11.97 -12.65
CA GLY A 58 11.83 11.94 -13.41
C GLY A 58 11.03 13.22 -13.38
N ASP A 59 9.85 13.20 -13.99
CA ASP A 59 8.99 14.39 -14.04
C ASP A 59 7.56 14.14 -13.57
N PHE A 60 7.43 13.24 -12.61
CA PHE A 60 6.17 13.06 -11.90
C PHE A 60 5.72 14.41 -11.39
N PHE A 61 4.48 14.78 -11.68
CA PHE A 61 3.94 16.04 -11.15
C PHE A 61 2.93 15.85 -10.01
N ILE A 62 2.65 16.96 -9.33
CA ILE A 62 1.63 17.06 -8.30
C ILE A 62 1.01 18.46 -8.42
N LYS A 63 -0.31 18.52 -8.55
CA LYS A 63 -1.01 19.81 -8.64
C LYS A 63 -2.46 19.76 -8.14
N ALA A 64 -2.92 20.87 -7.60
CA ALA A 64 -4.32 21.03 -7.20
C ALA A 64 -5.18 21.44 -8.39
N VAL A 65 -6.34 20.82 -8.53
CA VAL A 65 -7.34 21.15 -9.57
C VAL A 65 -8.76 21.05 -8.98
N SER A 66 -9.74 21.45 -9.79
CA SER A 66 -11.15 21.22 -9.47
C SER A 66 -11.48 19.78 -9.82
N TRP A 67 -11.74 18.98 -8.78
CA TRP A 67 -11.85 17.53 -8.93
C TRP A 67 -13.00 17.10 -9.83
N LYS A 68 -14.12 17.81 -9.75
CA LYS A 68 -15.28 17.52 -10.59
C LYS A 68 -15.01 17.87 -12.04
N LYS A 69 -14.30 18.98 -12.25
CA LYS A 69 -13.89 19.42 -13.59
C LYS A 69 -13.03 18.36 -14.28
N LEU A 70 -12.02 17.90 -13.56
CA LEU A 70 -11.09 16.88 -14.05
C LEU A 70 -11.80 15.58 -14.43
N LEU A 71 -12.59 15.05 -13.51
CA LEU A 71 -13.43 13.89 -13.78
C LEU A 71 -14.35 14.08 -14.97
N ARG A 72 -14.74 15.33 -15.22
CA ARG A 72 -15.67 15.59 -16.31
C ARG A 72 -15.03 15.73 -17.69
N GLU A 73 -13.76 16.15 -17.77
CA GLU A 73 -13.10 16.32 -19.08
C GLU A 73 -12.14 15.21 -19.56
N PHE A 74 -11.48 14.52 -18.63
CA PHE A 74 -10.71 13.30 -18.92
C PHE A 74 -11.69 12.32 -19.58
N ASP A 75 -11.46 11.79 -20.79
CA ASP A 75 -10.29 11.88 -21.70
C ASP A 75 -9.55 10.54 -21.78
N GLY A 76 -10.16 9.52 -21.16
CA GLY A 76 -9.63 8.17 -21.05
C GLY A 76 -10.53 7.44 -20.08
N LEU A 77 -10.14 6.25 -19.64
CA LEU A 77 -10.97 5.50 -18.70
C LEU A 77 -10.82 6.04 -17.28
N LYS A 78 -11.92 6.22 -16.57
CA LYS A 78 -11.87 6.74 -15.21
C LYS A 78 -12.20 5.66 -14.18
N VAL A 79 -11.28 5.42 -13.25
CA VAL A 79 -11.41 4.29 -12.31
C VAL A 79 -11.43 4.75 -10.87
N HIS A 80 -12.36 4.21 -10.07
CA HIS A 80 -12.49 4.56 -8.67
C HIS A 80 -12.20 3.37 -7.73
N LEU A 81 -11.13 3.48 -6.95
CA LEU A 81 -10.77 2.40 -6.04
C LEU A 81 -11.58 2.52 -4.78
N THR A 82 -12.46 1.55 -4.58
CA THR A 82 -13.44 1.54 -3.52
C THR A 82 -13.69 0.11 -3.06
N MET A 83 -13.76 -0.08 -1.74
CA MET A 83 -14.16 -1.34 -1.12
C MET A 83 -15.48 -1.92 -1.67
N TYR A 84 -16.40 -1.06 -2.07
CA TYR A 84 -17.71 -1.50 -2.52
C TYR A 84 -17.79 -1.83 -4.03
N GLY A 85 -16.65 -1.79 -4.71
CA GLY A 85 -16.62 -1.99 -6.17
C GLY A 85 -16.33 -3.39 -6.64
N ILE A 86 -16.22 -3.55 -7.95
CA ILE A 86 -16.00 -4.85 -8.58
C ILE A 86 -14.53 -5.24 -8.47
N PRO A 87 -14.22 -6.48 -8.01
CA PRO A 87 -12.83 -6.92 -7.89
C PRO A 87 -12.01 -6.66 -9.17
N LEU A 88 -10.82 -6.09 -8.98
CA LEU A 88 -9.92 -5.79 -10.10
C LEU A 88 -9.75 -6.88 -11.18
N PRO A 89 -9.50 -8.15 -10.77
CA PRO A 89 -9.20 -9.15 -11.79
C PRO A 89 -10.33 -9.34 -12.81
N GLN A 90 -11.57 -9.05 -12.40
CA GLN A 90 -12.73 -9.04 -13.31
C GLN A 90 -12.67 -7.96 -14.42
N LYS A 91 -12.03 -6.82 -14.14
CA LYS A 91 -12.02 -5.70 -15.09
C LYS A 91 -10.65 -5.37 -15.67
N LEU A 92 -9.63 -6.09 -15.21
CA LEU A 92 -8.24 -5.80 -15.58
C LEU A 92 -8.01 -5.74 -17.09
N GLU A 93 -8.44 -6.78 -17.80
CA GLU A 93 -8.28 -6.83 -19.27
C GLU A 93 -8.82 -5.57 -19.94
N GLU A 94 -10.01 -5.14 -19.50
CA GLU A 94 -10.61 -3.87 -19.92
C GLU A 94 -9.87 -2.61 -19.47
N ILE A 95 -9.25 -2.64 -18.28
CA ILE A 95 -8.44 -1.51 -17.85
C ILE A 95 -7.13 -1.40 -18.64
N LYS A 96 -6.54 -2.54 -18.99
CA LYS A 96 -5.28 -2.59 -19.71
C LYS A 96 -5.46 -2.14 -21.17
N ARG A 97 -6.69 -2.24 -21.65
CA ARG A 97 -7.06 -1.86 -23.00
C ARG A 97 -7.12 -0.36 -23.24
N ALA A 98 -7.06 0.42 -22.16
CA ALA A 98 -7.12 1.87 -22.24
C ALA A 98 -5.80 2.46 -22.73
N ASP A 99 -5.85 3.71 -23.19
CA ASP A 99 -4.67 4.50 -23.50
C ASP A 99 -4.28 5.35 -22.29
N LYS A 100 -5.30 5.86 -21.60
CA LYS A 100 -5.13 6.79 -20.47
C LYS A 100 -6.15 6.44 -19.40
N VAL A 101 -5.69 6.35 -18.14
CA VAL A 101 -6.53 5.98 -17.00
C VAL A 101 -6.43 7.02 -15.89
N LEU A 102 -7.56 7.46 -15.36
CA LEU A 102 -7.54 8.30 -14.19
C LEU A 102 -7.97 7.44 -13.02
N VAL A 103 -7.09 7.22 -12.06
CA VAL A 103 -7.52 6.41 -10.92
C VAL A 103 -7.80 7.31 -9.73
N VAL A 104 -9.00 7.16 -9.18
CA VAL A 104 -9.47 8.03 -8.11
C VAL A 104 -9.38 7.32 -6.73
N VAL A 105 -8.79 7.98 -5.75
CA VAL A 105 -8.67 7.41 -4.38
C VAL A 105 -9.09 8.42 -3.32
N GLY A 106 -10.06 8.04 -2.50
CA GLY A 106 -10.58 8.92 -1.45
C GLY A 106 -9.96 8.68 -0.08
N PRO A 111 -18.26 10.85 -1.49
CA PRO A 111 -18.87 11.85 -2.35
C PRO A 111 -19.65 11.18 -3.48
N PRO A 112 -20.96 10.96 -3.28
CA PRO A 112 -21.82 10.05 -4.03
C PRO A 112 -21.61 10.02 -5.55
N GLU A 113 -21.39 11.18 -6.16
CA GLU A 113 -21.27 11.30 -7.62
C GLU A 113 -19.94 10.79 -8.20
N VAL A 114 -18.96 10.54 -7.34
CA VAL A 114 -17.71 9.89 -7.75
C VAL A 114 -18.01 8.49 -8.27
N TYR A 115 -19.01 7.85 -7.67
CA TYR A 115 -19.48 6.54 -8.10
C TYR A 115 -20.21 6.59 -9.43
N GLU A 116 -20.76 7.75 -9.75
CA GLU A 116 -21.51 7.93 -11.00
C GLU A 116 -20.64 8.43 -12.16
N LEU A 117 -19.71 9.34 -11.87
CA LEU A 117 -18.88 9.96 -12.90
C LEU A 117 -17.76 9.06 -13.41
N CYS A 118 -17.30 8.13 -12.56
CA CYS A 118 -16.24 7.24 -12.98
C CYS A 118 -16.81 6.15 -13.85
N ASP A 119 -15.99 5.68 -14.79
CA ASP A 119 -16.36 4.61 -15.68
C ASP A 119 -16.51 3.27 -14.93
N LEU A 120 -15.57 2.98 -14.03
CA LEU A 120 -15.59 1.74 -13.25
C LEU A 120 -15.31 1.98 -11.76
N ASN A 121 -15.96 1.18 -10.93
CA ASN A 121 -15.74 1.20 -9.47
C ASN A 121 -15.15 -0.13 -9.12
N ILE A 122 -13.89 -0.13 -8.68
CA ILE A 122 -13.07 -1.32 -8.53
C ILE A 122 -12.64 -1.50 -7.07
N SER A 123 -12.64 -2.75 -6.59
CA SER A 123 -12.17 -3.06 -5.22
C SER A 123 -10.94 -3.94 -5.21
N ILE A 124 -10.13 -3.71 -4.17
CA ILE A 124 -8.94 -4.49 -3.92
C ILE A 124 -9.31 -5.31 -2.70
N GLY A 125 -10.08 -6.36 -2.94
CA GLY A 125 -10.69 -7.12 -1.86
C GLY A 125 -11.77 -6.31 -1.16
N THR A 126 -12.59 -7.01 -0.39
CA THR A 126 -13.75 -6.41 0.24
C THR A 126 -13.62 -6.22 1.77
N GLN A 127 -12.38 -6.04 2.23
CA GLN A 127 -12.11 -5.73 3.65
C GLN A 127 -11.65 -4.29 3.80
N PRO A 128 -11.96 -3.66 4.96
CA PRO A 128 -11.45 -2.30 5.11
C PRO A 128 -9.91 -2.32 5.18
N HIS A 129 -9.23 -1.41 4.48
CA HIS A 129 -7.77 -1.27 4.62
C HIS A 129 -7.26 0.13 4.25
N SER A 130 -6.29 0.21 3.34
CA SER A 130 -5.64 1.46 3.04
C SER A 130 -5.81 1.84 1.58
N GLU A 131 -6.04 3.13 1.34
CA GLU A 131 -6.03 3.68 -0.03
C GLU A 131 -4.62 3.60 -0.62
N VAL A 132 -3.61 3.56 0.26
CA VAL A 132 -2.21 3.42 -0.14
C VAL A 132 -2.00 1.97 -0.62
N ALA A 133 -2.59 1.01 0.08
CA ALA A 133 -2.50 -0.38 -0.32
C ALA A 133 -3.33 -0.65 -1.59
N ALA A 134 -4.51 -0.02 -1.66
CA ALA A 134 -5.43 -0.22 -2.76
C ALA A 134 -4.73 0.22 -4.06
N LEU A 135 -4.20 1.43 -4.04
CA LEU A 135 -3.38 1.97 -5.11
C LEU A 135 -2.10 1.20 -5.44
N ALA A 136 -1.36 0.72 -4.42
CA ALA A 136 -0.13 -0.04 -4.68
C ALA A 136 -0.39 -1.27 -5.54
N VAL A 137 -1.47 -1.98 -5.22
CA VAL A 137 -1.86 -3.20 -5.90
C VAL A 137 -2.46 -2.93 -7.29
N PHE A 138 -3.32 -1.93 -7.38
CA PHE A 138 -3.86 -1.50 -8.66
C PHE A 138 -2.73 -1.28 -9.64
N LEU A 139 -1.85 -0.31 -9.37
CA LEU A 139 -0.69 0.04 -10.23
C LEU A 139 0.31 -1.09 -10.48
N ASP A 140 0.47 -1.97 -9.51
CA ASP A 140 1.33 -3.15 -9.74
C ASP A 140 0.73 -4.10 -10.75
N ARG A 141 -0.57 -4.34 -10.65
CA ARG A 141 -1.23 -5.28 -11.55
C ARG A 141 -1.51 -4.65 -12.91
N VAL A 142 -1.57 -3.33 -12.97
CA VAL A 142 -1.98 -2.60 -14.17
C VAL A 142 -0.77 -2.22 -15.02
N LEU A 143 0.21 -1.57 -14.41
CA LEU A 143 1.46 -1.17 -15.08
C LEU A 143 2.62 -2.17 -15.05
N GLY A 144 2.73 -2.96 -13.98
CA GLY A 144 3.81 -3.93 -13.83
C GLY A 144 5.23 -3.39 -13.81
N LYS A 145 5.41 -2.17 -13.26
CA LYS A 145 6.68 -1.44 -13.35
C LYS A 145 7.49 -1.29 -12.05
N VAL A 146 6.86 -1.36 -10.89
CA VAL A 146 7.55 -1.03 -9.61
C VAL A 146 8.98 -1.58 -9.48
N PHE A 147 9.20 -2.81 -9.92
CA PHE A 147 10.52 -3.40 -9.86
C PHE A 147 11.50 -2.90 -10.92
N ASP A 148 11.00 -2.48 -12.08
CA ASP A 148 11.87 -2.03 -13.16
C ASP A 148 12.10 -0.52 -13.19
N ILE A 149 11.36 0.23 -12.38
CA ILE A 149 11.43 1.69 -12.42
C ILE A 149 12.77 2.29 -11.99
N SER A 150 13.33 3.09 -12.90
CA SER A 150 14.44 3.99 -12.61
C SER A 150 14.38 5.24 -13.49
N PHE A 151 15.19 6.23 -13.11
CA PHE A 151 15.18 7.52 -13.78
C PHE A 151 16.62 7.93 -14.11
N ASP A 152 16.89 8.21 -15.39
CA ASP A 152 18.22 8.66 -15.82
C ASP A 152 18.59 10.04 -15.26
N ASP A 153 17.58 10.88 -15.05
CA ASP A 153 17.67 12.16 -14.35
C ASP A 153 18.29 12.11 -12.93
N ALA A 154 18.22 10.94 -12.28
CA ALA A 154 18.41 10.82 -10.82
C ALA A 154 19.74 11.25 -10.23
N LYS A 155 19.70 11.89 -9.06
CA LYS A 155 20.92 12.29 -8.33
C LYS A 155 21.22 11.38 -7.14
N ILE A 156 20.21 10.61 -6.72
CA ILE A 156 20.38 9.53 -5.76
C ILE A 156 19.75 8.26 -6.34
N LYS A 157 20.55 7.19 -6.45
CA LYS A 157 20.04 5.87 -6.81
C LYS A 157 20.40 4.88 -5.71
N VAL A 158 19.54 3.89 -5.53
CA VAL A 158 19.87 2.73 -4.71
C VAL A 158 20.40 1.60 -5.61
N ILE A 159 21.44 0.93 -5.13
CA ILE A 159 21.86 -0.37 -5.65
C ILE A 159 21.49 -1.37 -4.55
N PRO A 160 20.64 -2.36 -4.86
CA PRO A 160 20.24 -3.42 -3.92
C PRO A 160 21.39 -4.26 -3.32
N SER A 161 21.26 -4.63 -2.05
CA SER A 161 22.23 -5.55 -1.41
C SER A 161 21.62 -6.44 -0.33
N GLU A 162 22.32 -7.54 -0.05
CA GLU A 162 21.89 -8.57 0.90
C GLU A 162 21.59 -8.02 2.29
N ARG A 163 22.45 -7.14 2.80
CA ARG A 163 22.19 -6.52 4.11
C ARG A 163 22.86 -5.17 4.39
N GLY A 164 23.23 -4.47 3.32
CA GLY A 164 23.73 -3.09 3.44
C GLY A 164 22.74 -2.05 2.94
N LYS A 165 23.17 -0.79 2.99
CA LYS A 165 22.42 0.33 2.45
C LYS A 165 23.29 1.07 1.44
N ARG A 166 23.28 0.58 0.20
CA ARG A 166 24.20 1.00 -0.87
C ARG A 166 23.56 2.04 -1.78
N VAL A 167 24.15 3.23 -1.82
CA VAL A 167 23.58 4.34 -2.59
C VAL A 167 24.59 4.98 -3.54
N VAL A 168 24.15 5.33 -4.75
CA VAL A 168 24.99 6.09 -5.68
C VAL A 168 24.52 7.54 -5.82
N SER A 169 25.46 8.49 -5.78
CA SER A 169 25.19 9.92 -5.96
C SER A 169 25.88 10.45 -7.21
N LEU B 3 1.50 -21.43 4.25
CA LEU B 3 2.43 -20.34 4.63
C LEU B 3 1.71 -19.29 5.47
N GLU B 4 2.00 -19.26 6.76
CA GLU B 4 1.44 -18.22 7.65
C GLU B 4 2.40 -17.05 7.87
N VAL B 5 1.83 -15.85 7.79
CA VAL B 5 2.65 -14.65 7.75
C VAL B 5 2.31 -13.74 8.92
N TYR B 6 3.34 -13.26 9.62
CA TYR B 6 3.18 -12.31 10.70
C TYR B 6 3.88 -11.01 10.34
N VAL B 7 3.28 -9.90 10.73
CA VAL B 7 3.94 -8.61 10.59
C VAL B 7 4.56 -8.11 11.92
N LEU B 8 5.72 -7.47 11.80
CA LEU B 8 6.30 -6.74 12.90
C LEU B 8 6.49 -5.29 12.47
N ARG B 9 5.75 -4.43 13.14
CA ARG B 9 5.76 -3.00 12.89
C ARG B 9 6.68 -2.32 13.91
N LEU B 10 7.80 -1.79 13.43
CA LEU B 10 8.77 -1.08 14.23
C LEU B 10 8.64 0.42 14.09
N GLY B 11 8.97 1.13 15.18
CA GLY B 11 9.14 2.59 15.13
C GLY B 11 7.89 3.44 15.22
N HIS B 12 6.79 2.86 15.67
CA HIS B 12 5.55 3.62 15.87
C HIS B 12 5.70 4.66 16.99
N ARG B 13 5.36 5.91 16.66
CA ARG B 13 5.32 7.01 17.63
C ARG B 13 3.86 7.46 17.85
N PRO B 14 3.29 7.19 19.04
CA PRO B 14 1.90 7.52 19.42
C PRO B 14 1.46 8.95 19.12
N GLU B 15 2.40 9.89 19.18
CA GLU B 15 2.12 11.31 18.94
C GLU B 15 1.95 11.59 17.44
N ARG B 16 2.39 10.65 16.61
CA ARG B 16 2.54 10.86 15.18
C ARG B 16 1.91 9.79 14.30
N ASP B 17 2.15 8.52 14.67
CA ASP B 17 1.97 7.38 13.75
C ASP B 17 0.64 6.67 13.80
N LYS B 18 -0.36 7.25 14.48
CA LYS B 18 -1.61 6.54 14.73
C LYS B 18 -2.32 6.07 13.46
N ARG B 19 -2.40 6.94 12.47
CA ARG B 19 -3.10 6.65 11.21
C ARG B 19 -2.36 5.64 10.33
N ILE B 20 -1.05 5.84 10.12
CA ILE B 20 -0.26 4.92 9.29
C ILE B 20 -0.18 3.54 9.91
N SER B 21 0.07 3.49 11.23
CA SER B 21 0.14 2.20 11.91
C SER B 21 -1.17 1.44 11.87
N THR B 22 -2.29 2.16 11.83
CA THR B 22 -3.62 1.55 11.67
C THR B 22 -3.79 1.01 10.24
N HIS B 23 -3.45 1.83 9.24
CA HIS B 23 -3.30 1.43 7.84
C HIS B 23 -2.47 0.15 7.63
N VAL B 24 -1.25 0.12 8.20
CA VAL B 24 -0.38 -1.05 8.15
C VAL B 24 -1.08 -2.32 8.66
N ALA B 25 -1.62 -2.23 9.89
CA ALA B 25 -2.29 -3.37 10.56
C ALA B 25 -3.48 -3.89 9.74
N LEU B 26 -4.31 -2.97 9.27
CA LEU B 26 -5.50 -3.30 8.49
C LEU B 26 -5.17 -3.89 7.12
N THR B 27 -4.04 -3.49 6.55
CA THR B 27 -3.50 -4.08 5.34
C THR B 27 -2.98 -5.49 5.58
N ALA B 28 -2.28 -5.67 6.70
CA ALA B 28 -1.84 -6.99 7.12
C ALA B 28 -3.05 -7.94 7.17
N ARG B 29 -4.11 -7.53 7.84
CA ARG B 29 -5.33 -8.32 7.94
C ARG B 29 -6.03 -8.55 6.56
N ALA B 30 -6.32 -7.45 5.84
CA ALA B 30 -6.98 -7.55 4.53
C ALA B 30 -6.29 -8.56 3.60
N PHE B 31 -4.96 -8.55 3.59
CA PHE B 31 -4.16 -9.35 2.65
C PHE B 31 -3.73 -10.74 3.16
N GLY B 32 -4.20 -11.15 4.32
CA GLY B 32 -4.01 -12.55 4.74
C GLY B 32 -3.02 -12.85 5.84
N ALA B 33 -2.35 -11.83 6.39
CA ALA B 33 -1.47 -12.06 7.57
C ALA B 33 -2.24 -12.53 8.82
N LYS B 34 -1.58 -13.38 9.63
CA LYS B 34 -2.24 -13.98 10.79
C LYS B 34 -2.42 -12.95 11.91
N GLY B 35 -1.46 -12.06 12.05
CA GLY B 35 -1.50 -11.04 13.08
C GLY B 35 -0.34 -10.11 12.92
N ILE B 36 -0.34 -9.04 13.71
CA ILE B 36 0.74 -8.07 13.70
C ILE B 36 1.25 -7.77 15.12
N TYR B 37 2.55 -7.58 15.25
CA TYR B 37 3.17 -7.19 16.50
C TYR B 37 3.66 -5.76 16.39
N PHE B 38 3.49 -5.01 17.47
CA PHE B 38 4.05 -3.68 17.58
C PHE B 38 5.10 -3.66 18.66
N ASP B 39 6.15 -2.90 18.42
CA ASP B 39 7.21 -2.77 19.42
C ASP B 39 6.76 -1.90 20.62
N THR B 40 5.47 -1.52 20.62
CA THR B 40 4.85 -0.69 21.67
C THR B 40 3.32 -0.53 21.50
N GLU B 41 2.57 -0.74 22.59
CA GLU B 41 1.15 -0.35 22.73
C GLU B 41 1.23 1.07 23.29
N ASP B 42 0.62 2.13 22.73
CA ASP B 42 -0.59 2.29 21.86
C ASP B 42 -1.93 1.55 21.98
N LYS B 43 -2.68 1.90 23.03
CA LYS B 43 -4.01 1.33 23.28
C LYS B 43 -5.04 1.74 22.23
N SER B 44 -4.83 2.89 21.60
CA SER B 44 -5.80 3.53 20.71
C SER B 44 -5.87 2.91 19.32
N VAL B 45 -4.72 2.60 18.75
CA VAL B 45 -4.58 1.94 17.46
C VAL B 45 -5.10 0.51 17.56
N PHE B 46 -4.80 -0.14 18.68
CA PHE B 46 -5.19 -1.51 18.94
C PHE B 46 -6.70 -1.66 18.99
N GLU B 47 -7.39 -0.69 19.60
CA GLU B 47 -8.86 -0.72 19.68
C GLU B 47 -9.51 -0.58 18.29
N SER B 48 -8.98 0.31 17.47
CA SER B 48 -9.42 0.44 16.08
C SER B 48 -9.36 -0.93 15.40
N VAL B 49 -8.17 -1.51 15.35
CA VAL B 49 -7.96 -2.80 14.72
C VAL B 49 -8.91 -3.86 15.28
N ARG B 50 -8.93 -4.02 16.60
CA ARG B 50 -9.79 -4.98 17.28
C ARG B 50 -11.27 -4.77 17.02
N ASP B 51 -11.68 -3.50 16.87
CA ASP B 51 -13.05 -3.15 16.49
C ASP B 51 -13.40 -3.69 15.11
N VAL B 52 -12.45 -3.59 14.19
CA VAL B 52 -12.58 -4.07 12.80
C VAL B 52 -12.66 -5.60 12.75
N VAL B 53 -11.85 -6.28 13.55
CA VAL B 53 -11.86 -7.75 13.61
C VAL B 53 -13.16 -8.28 14.23
N GLU B 54 -13.66 -7.56 15.22
CA GLU B 54 -14.93 -7.89 15.88
C GLU B 54 -16.07 -7.85 14.84
N ARG B 55 -16.06 -6.80 14.02
CA ARG B 55 -17.16 -6.51 13.11
C ARG B 55 -17.01 -7.16 11.73
N TRP B 56 -15.79 -7.21 11.22
CA TRP B 56 -15.57 -7.73 9.88
C TRP B 56 -15.14 -9.17 9.86
N GLY B 57 -14.79 -9.72 11.02
CA GLY B 57 -14.59 -11.17 11.14
C GLY B 57 -13.17 -11.67 11.25
N GLY B 58 -13.05 -12.94 11.66
CA GLY B 58 -11.77 -13.59 11.83
C GLY B 58 -11.16 -13.40 13.20
N ASP B 59 -9.88 -13.75 13.32
CA ASP B 59 -9.13 -13.73 14.58
C ASP B 59 -7.72 -13.19 14.38
N PHE B 60 -7.60 -12.21 13.47
CA PHE B 60 -6.38 -11.42 13.32
C PHE B 60 -6.12 -10.80 14.68
N PHE B 61 -4.89 -10.91 15.20
CA PHE B 61 -4.57 -10.27 16.46
C PHE B 61 -3.68 -9.06 16.27
N ILE B 62 -3.66 -8.21 17.30
CA ILE B 62 -2.65 -7.18 17.47
C ILE B 62 -2.14 -7.26 18.92
N LYS B 63 -0.82 -7.20 19.09
CA LYS B 63 -0.23 -7.26 20.43
C LYS B 63 1.12 -6.55 20.46
N ALA B 64 1.50 -6.06 21.63
CA ALA B 64 2.79 -5.40 21.79
C ALA B 64 3.80 -6.43 22.27
N VAL B 65 5.04 -6.29 21.79
CA VAL B 65 6.14 -7.17 22.18
C VAL B 65 7.41 -6.35 22.45
N SER B 66 8.47 -7.03 22.88
CA SER B 66 9.81 -6.47 22.74
C SER B 66 10.35 -6.97 21.40
N TRP B 67 10.68 -6.03 20.51
CA TRP B 67 10.96 -6.37 19.12
C TRP B 67 12.20 -7.22 18.89
N LYS B 68 13.22 -7.00 19.71
CA LYS B 68 14.46 -7.77 19.68
C LYS B 68 14.22 -9.23 20.05
N LYS B 69 13.53 -9.42 21.18
CA LYS B 69 13.16 -10.73 21.70
C LYS B 69 12.36 -11.55 20.69
N LEU B 70 11.35 -10.93 20.08
CA LEU B 70 10.53 -11.60 19.07
C LEU B 70 11.32 -12.03 17.84
N LEU B 71 12.17 -11.14 17.33
CA LEU B 71 13.06 -11.50 16.22
C LEU B 71 13.96 -12.67 16.60
N ARG B 72 14.84 -12.43 17.58
CA ARG B 72 15.74 -13.46 18.08
C ARG B 72 15.07 -14.83 18.22
N GLU B 73 13.82 -14.85 18.67
CA GLU B 73 13.12 -16.13 18.86
C GLU B 73 11.89 -16.36 17.96
N PHE B 74 11.93 -15.81 16.74
CA PHE B 74 10.90 -16.17 15.78
C PHE B 74 11.31 -17.44 15.08
N ASP B 75 10.38 -18.40 15.07
CA ASP B 75 10.61 -19.73 14.53
C ASP B 75 10.23 -19.80 13.05
N GLY B 76 11.01 -19.13 12.21
CA GLY B 76 10.68 -19.02 10.79
C GLY B 76 11.56 -18.01 10.10
N LEU B 77 11.25 -17.73 8.84
CA LEU B 77 12.04 -16.83 8.01
C LEU B 77 11.69 -15.39 8.31
N LYS B 78 12.68 -14.62 8.73
CA LYS B 78 12.51 -13.22 9.07
C LYS B 78 12.80 -12.32 7.85
N VAL B 79 11.78 -11.62 7.36
CA VAL B 79 11.91 -10.81 6.14
C VAL B 79 11.72 -9.31 6.39
N HIS B 80 12.74 -8.55 6.06
CA HIS B 80 12.73 -7.15 6.36
C HIS B 80 12.56 -6.37 5.05
N LEU B 81 11.46 -5.63 5.00
CA LEU B 81 11.11 -4.78 3.86
C LEU B 81 11.80 -3.43 3.91
N THR B 82 12.70 -3.20 2.96
CA THR B 82 13.51 -1.98 2.88
C THR B 82 13.85 -1.66 1.43
N MET B 83 13.96 -0.37 1.11
CA MET B 83 14.26 0.08 -0.25
C MET B 83 15.71 -0.28 -0.62
N TYR B 84 16.51 -0.54 0.41
CA TYR B 84 17.91 -0.91 0.23
C TYR B 84 18.14 -2.39 -0.01
N GLY B 85 17.04 -3.14 -0.17
CA GLY B 85 17.11 -4.60 -0.20
C GLY B 85 17.13 -5.23 -1.57
N ILE B 86 17.12 -6.56 -1.59
CA ILE B 86 17.09 -7.34 -2.82
C ILE B 86 15.66 -7.34 -3.35
N PRO B 87 15.50 -7.15 -4.66
CA PRO B 87 14.17 -7.16 -5.27
C PRO B 87 13.41 -8.46 -5.03
N LEU B 88 12.23 -8.35 -4.46
CA LEU B 88 11.40 -9.50 -4.09
C LEU B 88 11.33 -10.61 -5.14
N PRO B 89 11.21 -10.29 -6.45
CA PRO B 89 11.19 -11.35 -7.46
C PRO B 89 12.32 -12.37 -7.39
N GLN B 90 13.53 -11.93 -7.03
CA GLN B 90 14.69 -12.83 -6.91
C GLN B 90 14.67 -13.73 -5.67
N LYS B 91 13.86 -13.40 -4.67
CA LYS B 91 13.81 -14.17 -3.42
C LYS B 91 12.46 -14.80 -3.13
N LEU B 92 11.53 -14.64 -4.07
CA LEU B 92 10.11 -14.90 -3.84
C LEU B 92 9.81 -16.37 -3.66
N GLU B 93 10.48 -17.22 -4.44
CA GLU B 93 10.30 -18.67 -4.30
C GLU B 93 10.91 -19.17 -2.98
N GLU B 94 12.05 -18.59 -2.59
CA GLU B 94 12.66 -18.92 -1.29
C GLU B 94 11.70 -18.57 -0.15
N ILE B 95 11.11 -17.38 -0.22
CA ILE B 95 10.11 -16.91 0.75
C ILE B 95 8.91 -17.84 0.81
N LYS B 96 8.31 -18.11 -0.35
CA LYS B 96 7.13 -18.97 -0.45
C LYS B 96 7.33 -20.40 0.07
N ARG B 97 8.58 -20.87 0.03
CA ARG B 97 8.91 -22.22 0.47
C ARG B 97 8.89 -22.36 1.99
N ALA B 98 9.09 -21.26 2.71
CA ALA B 98 9.05 -21.24 4.17
C ALA B 98 7.66 -21.61 4.68
N ASP B 99 7.56 -21.97 5.96
CA ASP B 99 6.27 -22.29 6.58
C ASP B 99 5.72 -21.19 7.49
N LYS B 100 6.61 -20.42 8.11
CA LYS B 100 6.25 -19.18 8.79
C LYS B 100 7.13 -18.04 8.30
N VAL B 101 6.53 -16.87 8.11
CA VAL B 101 7.26 -15.70 7.69
C VAL B 101 6.92 -14.54 8.60
N LEU B 102 7.95 -13.88 9.11
CA LEU B 102 7.80 -12.64 9.83
C LEU B 102 8.33 -11.51 8.94
N VAL B 103 7.44 -10.65 8.46
CA VAL B 103 7.88 -9.49 7.69
C VAL B 103 7.98 -8.24 8.56
N VAL B 104 9.09 -7.53 8.44
CA VAL B 104 9.34 -6.37 9.27
C VAL B 104 9.18 -5.05 8.49
N VAL B 105 8.26 -4.22 8.99
CA VAL B 105 8.04 -2.86 8.53
C VAL B 105 8.45 -1.81 9.57
N GLY B 106 9.14 -0.77 9.12
CA GLY B 106 9.63 0.27 10.04
C GLY B 106 8.85 1.57 9.90
N PRO B 111 16.62 0.68 13.59
CA PRO B 111 17.91 0.31 14.15
C PRO B 111 18.70 -0.66 13.26
N PRO B 112 19.96 -0.31 12.92
CA PRO B 112 20.82 -1.09 12.00
C PRO B 112 20.83 -2.61 12.22
N GLU B 113 20.76 -3.06 13.48
CA GLU B 113 20.77 -4.48 13.81
C GLU B 113 19.62 -5.27 13.17
N VAL B 114 18.53 -4.57 12.81
CA VAL B 114 17.44 -5.17 12.03
C VAL B 114 17.99 -5.85 10.77
N TYR B 115 18.84 -5.13 10.05
CA TYR B 115 19.48 -5.63 8.82
C TYR B 115 20.32 -6.90 9.07
N GLU B 116 20.86 -7.01 10.28
CA GLU B 116 21.66 -8.17 10.64
C GLU B 116 20.80 -9.29 11.20
N LEU B 117 19.70 -8.94 11.85
CA LEU B 117 18.86 -9.91 12.56
C LEU B 117 17.89 -10.62 11.63
N CYS B 118 17.51 -9.97 10.54
CA CYS B 118 16.60 -10.62 9.60
C CYS B 118 17.35 -11.54 8.63
N ASP B 119 16.67 -12.60 8.21
CA ASP B 119 17.25 -13.56 7.28
C ASP B 119 17.38 -12.97 5.90
N LEU B 120 16.45 -12.11 5.51
CA LEU B 120 16.46 -11.47 4.19
C LEU B 120 16.05 -10.02 4.32
N ASN B 121 16.66 -9.19 3.49
CA ASN B 121 16.28 -7.79 3.31
C ASN B 121 15.79 -7.61 1.89
N ILE B 122 14.52 -7.18 1.77
CA ILE B 122 13.77 -7.20 0.51
C ILE B 122 13.21 -5.82 0.17
N SER B 123 13.41 -5.40 -1.09
CA SER B 123 12.91 -4.12 -1.61
C SER B 123 11.70 -4.29 -2.54
N ILE B 124 10.70 -3.44 -2.38
CA ILE B 124 9.58 -3.36 -3.32
C ILE B 124 9.86 -2.17 -4.25
N GLY B 125 10.81 -2.35 -5.14
CA GLY B 125 11.33 -1.23 -5.91
C GLY B 125 12.35 -0.44 -5.13
N THR B 126 13.15 0.36 -5.84
CA THR B 126 14.19 1.12 -5.16
C THR B 126 13.99 2.62 -5.14
N GLN B 127 12.73 3.03 -5.12
CA GLN B 127 12.34 4.44 -4.95
C GLN B 127 11.64 4.58 -3.60
N PRO B 128 11.74 5.75 -2.95
CA PRO B 128 11.02 5.96 -1.70
C PRO B 128 9.52 6.10 -1.88
N HIS B 129 8.77 5.21 -1.24
CA HIS B 129 7.32 5.34 -1.22
C HIS B 129 6.74 5.16 0.19
N SER B 130 6.14 4.00 0.46
CA SER B 130 5.32 3.80 1.67
C SER B 130 5.54 2.39 2.23
N GLU B 131 5.54 2.26 3.56
CA GLU B 131 5.58 0.93 4.18
C GLU B 131 4.26 0.19 4.04
N VAL B 132 3.18 0.92 3.80
CA VAL B 132 1.90 0.28 3.59
C VAL B 132 1.90 -0.36 2.18
N ALA B 133 2.39 0.40 1.19
CA ALA B 133 2.52 -0.03 -0.21
C ALA B 133 3.45 -1.23 -0.37
N ALA B 134 4.61 -1.18 0.29
CA ALA B 134 5.57 -2.28 0.33
C ALA B 134 4.96 -3.54 0.90
N LEU B 135 4.31 -3.40 2.06
CA LEU B 135 3.51 -4.46 2.64
C LEU B 135 2.43 -5.02 1.73
N ALA B 136 1.65 -4.12 1.12
CA ALA B 136 0.56 -4.57 0.26
C ALA B 136 1.10 -5.51 -0.82
N VAL B 137 2.12 -5.06 -1.56
CA VAL B 137 2.65 -5.77 -2.73
C VAL B 137 3.33 -7.07 -2.32
N PHE B 138 4.09 -7.02 -1.22
CA PHE B 138 4.67 -8.22 -0.65
C PHE B 138 3.61 -9.30 -0.41
N LEU B 139 2.61 -9.00 0.42
CA LEU B 139 1.56 -9.96 0.73
C LEU B 139 0.74 -10.44 -0.46
N ASP B 140 0.55 -9.55 -1.45
CA ASP B 140 -0.22 -9.89 -2.65
C ASP B 140 0.53 -10.90 -3.52
N ARG B 141 1.83 -10.72 -3.68
CA ARG B 141 2.65 -11.63 -4.48
C ARG B 141 2.94 -12.94 -3.72
N VAL B 142 3.28 -12.81 -2.44
CA VAL B 142 3.58 -13.97 -1.59
C VAL B 142 2.35 -14.84 -1.31
N LEU B 143 1.26 -14.23 -0.87
CA LEU B 143 0.09 -15.01 -0.44
C LEU B 143 -1.03 -15.11 -1.49
N GLY B 144 -1.18 -14.10 -2.34
CA GLY B 144 -2.20 -14.09 -3.40
C GLY B 144 -3.64 -14.23 -2.90
N LYS B 145 -3.91 -13.69 -1.71
CA LYS B 145 -5.16 -13.95 -0.99
C LYS B 145 -6.17 -12.80 -0.99
N VAL B 146 -5.70 -11.59 -1.28
CA VAL B 146 -6.53 -10.38 -1.16
C VAL B 146 -7.89 -10.43 -1.88
N PHE B 147 -7.97 -11.05 -3.05
CA PHE B 147 -9.23 -11.13 -3.78
C PHE B 147 -10.08 -12.32 -3.36
N ASP B 148 -9.45 -13.30 -2.73
CA ASP B 148 -10.15 -14.52 -2.28
C ASP B 148 -10.61 -14.52 -0.82
N ILE B 149 -10.15 -13.55 -0.03
CA ILE B 149 -10.40 -13.53 1.40
C ILE B 149 -11.83 -13.09 1.81
N SER B 150 -12.45 -13.89 2.67
CA SER B 150 -13.79 -13.60 3.20
C SER B 150 -13.99 -14.39 4.47
N PHE B 151 -14.82 -13.85 5.37
CA PHE B 151 -15.07 -14.45 6.66
C PHE B 151 -16.56 -14.74 6.76
N ASP B 152 -16.90 -16.02 6.81
CA ASP B 152 -18.28 -16.46 6.92
C ASP B 152 -18.91 -16.08 8.27
N ASP B 153 -18.07 -15.95 9.30
CA ASP B 153 -18.46 -15.61 10.67
C ASP B 153 -18.61 -14.11 10.95
N ALA B 154 -18.64 -13.31 9.89
CA ALA B 154 -18.58 -11.85 10.01
C ALA B 154 -19.95 -11.22 10.26
N LYS B 155 -19.96 -10.18 11.09
CA LYS B 155 -21.16 -9.39 11.33
C LYS B 155 -21.53 -8.50 10.13
N ILE B 156 -20.54 -8.22 9.26
CA ILE B 156 -20.73 -7.32 8.13
C ILE B 156 -19.88 -7.76 6.93
N LYS B 157 -20.50 -7.77 5.75
CA LYS B 157 -19.88 -8.21 4.49
C LYS B 157 -20.31 -7.29 3.37
N VAL B 158 -19.37 -6.98 2.46
CA VAL B 158 -19.66 -6.18 1.28
C VAL B 158 -20.00 -7.08 0.09
N ILE B 159 -21.01 -6.68 -0.68
CA ILE B 159 -21.34 -7.38 -1.92
C ILE B 159 -20.98 -6.43 -3.06
N PRO B 160 -19.93 -6.77 -3.82
CA PRO B 160 -19.44 -5.93 -4.94
C PRO B 160 -20.58 -5.47 -5.86
N SER B 161 -20.56 -4.22 -6.31
CA SER B 161 -21.53 -3.66 -7.30
C SER B 161 -20.80 -2.80 -8.30
N GLU B 162 -21.43 -2.57 -9.45
CA GLU B 162 -20.88 -1.71 -10.50
C GLU B 162 -20.87 -0.21 -10.13
N ARG B 163 -21.91 0.25 -9.40
CA ARG B 163 -22.05 1.68 -9.06
C ARG B 163 -22.48 1.97 -7.62
N GLY B 164 -22.65 0.93 -6.80
CA GLY B 164 -23.28 1.13 -5.50
C GLY B 164 -22.44 0.77 -4.29
N LYS B 165 -23.04 0.93 -3.12
CA LYS B 165 -22.45 0.48 -1.86
C LYS B 165 -23.45 -0.50 -1.25
N ARG B 166 -23.22 -1.79 -1.47
CA ARG B 166 -24.11 -2.85 -1.00
C ARG B 166 -23.49 -3.67 0.14
N VAL B 167 -24.28 -3.95 1.18
CA VAL B 167 -23.76 -4.61 2.39
C VAL B 167 -24.76 -5.55 3.08
N VAL B 168 -24.30 -6.77 3.38
CA VAL B 168 -25.04 -7.72 4.20
C VAL B 168 -24.61 -7.56 5.64
N SER B 169 -25.55 -7.59 6.57
CA SER B 169 -25.19 -7.42 7.99
C SER B 169 -25.74 -8.48 8.96
#